data_5HNI
#
_entry.id   5HNI
#
_cell.length_a   42.853
_cell.length_b   47.061
_cell.length_c   81.985
_cell.angle_alpha   76.96
_cell.angle_beta   76.96
_cell.angle_gamma   90.00
#
_symmetry.space_group_name_H-M   'P 1'
#
loop_
_entity.id
_entity.type
_entity.pdbx_description
1 polymer 'Hepatocyte growth factor receptor'
2 non-polymer 'methyl (6-{[6-(4-fluorophenyl)[1,2,4]triazolo[4,3-b]pyridazin-3-yl]sulfanyl}-1H-benzimidazol-2-yl)carbamate'
3 water water
#
_entity_poly.entity_id   1
_entity_poly.type   'polypeptide(L)'
_entity_poly.pdbx_seq_one_letter_code
;NTVHIDLSALNPELVQAVQHVVIGPSSLIVHFNEVIGRGHFGCVYHGTLLDNDGKKIHCAVKSLNRITDIGEVSQFLTEG
IIMKDFSHPNVLSLLGICLRSEGSPLVVLPYMKHGDLRNFIRNETHNPTVKDLIGFGLQVAKGMKFLASKKFVHRDLAAR
NCMLDEKFTVKVADFGLARDMYDKEFDSVHNKTGAKLPVKWMALESLQTQKFTTKSDVWSFGVLLWELMTRGAPPYPDVN
TFDITVYLLQGRRLLQPEYCPDPLYEVMLKCWHPKAEMRPSFSELVSRISAIFSTFIGEHYVHVNATYVNVK
;
_entity_poly.pdbx_strand_id   X,Y
#
loop_
_chem_comp.id
_chem_comp.type
_chem_comp.name
_chem_comp.formula
63B non-polymer 'methyl (6-{[6-(4-fluorophenyl)[1,2,4]triazolo[4,3-b]pyridazin-3-yl]sulfanyl}-1H-benzimidazol-2-yl)carbamate' 'C20 H14 F N7 O2 S'
#
# COMPACT_ATOMS: atom_id res chain seq x y z
N VAL A 15 -4.10 -14.54 41.67
CA VAL A 15 -5.32 -15.09 42.31
C VAL A 15 -6.55 -14.23 42.05
N GLN A 16 -6.33 -12.92 41.96
CA GLN A 16 -7.43 -11.97 41.80
C GLN A 16 -7.22 -11.05 40.61
N ALA A 17 -6.05 -11.14 40.00
CA ALA A 17 -5.73 -10.32 38.83
C ALA A 17 -6.07 -11.07 37.54
N VAL A 18 -6.77 -12.19 37.68
CA VAL A 18 -7.13 -13.03 36.54
C VAL A 18 -8.63 -12.96 36.27
N GLN A 19 -9.32 -12.17 37.07
CA GLN A 19 -10.78 -12.14 37.04
C GLN A 19 -11.32 -11.56 35.73
N HIS A 20 -10.45 -10.92 34.95
CA HIS A 20 -10.86 -10.33 33.69
C HIS A 20 -10.75 -11.34 32.55
N VAL A 21 -10.12 -12.47 32.82
CA VAL A 21 -9.98 -13.54 31.82
C VAL A 21 -10.88 -14.74 32.15
N VAL A 22 -10.90 -15.13 33.41
CA VAL A 22 -11.65 -16.30 33.84
C VAL A 22 -13.15 -16.10 33.71
N ILE A 23 -13.84 -17.12 33.20
CA ILE A 23 -15.30 -17.12 33.15
C ILE A 23 -15.86 -18.33 33.88
N GLY A 24 -15.97 -18.21 35.20
CA GLY A 24 -16.45 -19.31 36.02
C GLY A 24 -17.96 -19.37 36.10
N PRO A 25 -18.53 -19.28 37.31
CA PRO A 25 -19.98 -19.33 37.52
C PRO A 25 -20.71 -18.14 36.91
N GLY A 42 -5.67 -32.43 24.98
CA GLY A 42 -7.10 -32.65 24.89
C GLY A 42 -7.65 -32.32 23.52
N CYS A 43 -8.97 -32.43 23.37
CA CYS A 43 -9.63 -32.10 22.10
C CYS A 43 -10.67 -30.99 22.28
N VAL A 44 -11.13 -30.45 21.15
CA VAL A 44 -12.05 -29.32 21.16
C VAL A 44 -13.48 -29.77 20.93
N TYR A 45 -14.43 -29.03 21.49
CA TYR A 45 -15.85 -29.36 21.38
C TYR A 45 -16.67 -28.15 20.96
N HIS A 46 -17.88 -28.40 20.47
CA HIS A 46 -18.83 -27.33 20.20
C HIS A 46 -19.44 -26.82 21.50
N GLY A 47 -19.13 -25.58 21.85
CA GLY A 47 -19.59 -25.04 23.12
C GLY A 47 -20.65 -23.97 22.93
N THR A 48 -21.39 -23.69 24.00
CA THR A 48 -22.48 -22.72 23.93
C THR A 48 -22.27 -21.57 24.90
N LEU A 49 -22.48 -20.35 24.42
CA LEU A 49 -22.44 -19.15 25.25
C LEU A 49 -21.08 -19.01 25.94
N LYS A 56 -26.92 -15.15 23.30
CA LYS A 56 -26.39 -16.45 22.90
C LYS A 56 -25.25 -16.31 21.90
N ILE A 57 -24.13 -16.94 22.19
CA ILE A 57 -22.97 -16.90 21.31
C ILE A 57 -22.42 -18.30 21.07
N HIS A 58 -22.03 -18.57 19.83
CA HIS A 58 -21.50 -19.88 19.47
C HIS A 58 -19.98 -19.89 19.64
N CYS A 59 -19.51 -20.75 20.55
CA CYS A 59 -18.07 -20.83 20.85
C CYS A 59 -17.53 -22.21 20.56
N ALA A 60 -16.21 -22.32 20.51
CA ALA A 60 -15.54 -23.62 20.46
C ALA A 60 -14.72 -23.80 21.74
N VAL A 61 -14.89 -24.93 22.40
CA VAL A 61 -14.33 -25.12 23.74
C VAL A 61 -13.30 -26.25 23.78
N LYS A 62 -12.11 -25.92 24.26
CA LYS A 62 -11.00 -26.86 24.30
C LYS A 62 -10.85 -27.50 25.67
N SER A 63 -10.85 -28.82 25.70
CA SER A 63 -10.72 -29.57 26.95
C SER A 63 -9.31 -29.48 27.50
N VAL A 73 -2.94 -24.90 37.35
CA VAL A 73 -4.01 -23.94 37.53
C VAL A 73 -3.44 -22.55 37.78
N SER A 74 -2.26 -22.48 38.37
CA SER A 74 -1.56 -21.22 38.55
C SER A 74 -0.92 -20.81 37.23
N GLN A 75 -0.30 -21.76 36.55
CA GLN A 75 0.31 -21.53 35.26
C GLN A 75 -0.79 -21.38 34.21
N PHE A 76 -1.98 -21.83 34.56
CA PHE A 76 -3.13 -21.75 33.66
C PHE A 76 -3.63 -20.31 33.58
N LEU A 77 -3.60 -19.61 34.70
CA LEU A 77 -3.99 -18.21 34.74
C LEU A 77 -2.88 -17.35 34.12
N THR A 78 -1.70 -17.95 33.97
CA THR A 78 -0.57 -17.25 33.35
C THR A 78 -0.92 -16.88 31.93
N GLU A 79 -0.93 -17.88 31.06
CA GLU A 79 -1.15 -17.67 29.64
C GLU A 79 -2.57 -17.18 29.40
N GLY A 80 -3.46 -17.45 30.35
CA GLY A 80 -4.83 -17.00 30.22
C GLY A 80 -4.92 -15.49 30.15
N ILE A 81 -4.18 -14.82 31.02
CA ILE A 81 -4.18 -13.36 31.06
C ILE A 81 -3.44 -12.77 29.86
N ILE A 82 -2.31 -13.36 29.50
CA ILE A 82 -1.48 -12.83 28.43
C ILE A 82 -2.07 -13.12 27.05
N MET A 83 -2.63 -14.32 26.89
CA MET A 83 -3.27 -14.68 25.64
C MET A 83 -4.50 -13.80 25.41
N LYS A 84 -5.10 -13.37 26.51
CA LYS A 84 -6.24 -12.46 26.47
C LYS A 84 -5.81 -11.12 25.88
N ASP A 85 -4.54 -10.77 26.08
CA ASP A 85 -4.00 -9.51 25.58
C ASP A 85 -3.70 -9.55 24.10
N PHE A 86 -3.63 -10.74 23.53
CA PHE A 86 -3.42 -10.88 22.09
C PHE A 86 -4.72 -10.69 21.35
N SER A 87 -5.14 -9.43 21.24
CA SER A 87 -6.37 -9.06 20.56
C SER A 87 -6.02 -8.35 19.25
N HIS A 88 -6.41 -8.95 18.14
CA HIS A 88 -6.19 -8.36 16.82
C HIS A 88 -7.16 -9.04 15.85
N PRO A 89 -7.68 -8.28 14.88
CA PRO A 89 -8.68 -8.78 13.92
C PRO A 89 -8.24 -10.01 13.13
N ASN A 90 -6.94 -10.22 12.99
CA ASN A 90 -6.44 -11.37 12.23
C ASN A 90 -5.72 -12.37 13.13
N VAL A 91 -6.12 -12.42 14.40
CA VAL A 91 -5.59 -13.37 15.35
C VAL A 91 -6.75 -13.95 16.16
N LEU A 92 -6.78 -15.27 16.32
CA LEU A 92 -7.86 -15.90 17.07
C LEU A 92 -7.83 -15.42 18.51
N SER A 93 -8.96 -14.90 18.97
CA SER A 93 -9.08 -14.38 20.33
C SER A 93 -9.21 -15.49 21.35
N LEU A 94 -8.89 -15.19 22.60
CA LEU A 94 -9.30 -16.02 23.72
C LEU A 94 -10.51 -15.34 24.36
N LEU A 95 -11.65 -16.00 24.32
CA LEU A 95 -12.86 -15.46 24.93
C LEU A 95 -12.77 -15.59 26.45
N GLY A 96 -12.20 -16.69 26.92
CA GLY A 96 -12.02 -16.88 28.35
C GLY A 96 -11.65 -18.29 28.73
N ILE A 97 -11.60 -18.56 30.02
CA ILE A 97 -11.28 -19.89 30.52
C ILE A 97 -12.29 -20.33 31.58
N CYS A 98 -12.63 -21.61 31.58
CA CYS A 98 -13.53 -22.16 32.59
C CYS A 98 -12.76 -23.07 33.54
N LEU A 99 -12.78 -22.73 34.82
CA LEU A 99 -12.08 -23.52 35.82
C LEU A 99 -13.04 -24.23 36.77
N ARG A 100 -14.29 -23.81 36.78
CA ARG A 100 -15.29 -24.35 37.69
C ARG A 100 -15.95 -25.62 37.16
N SER A 101 -16.13 -26.62 38.02
CA SER A 101 -15.68 -26.54 39.41
C SER A 101 -15.40 -27.93 39.98
N GLU A 102 -14.26 -28.49 39.63
CA GLU A 102 -13.31 -27.83 38.75
C GLU A 102 -13.50 -28.27 37.30
N GLY A 103 -12.96 -27.48 36.38
CA GLY A 103 -13.10 -27.79 34.97
C GLY A 103 -12.00 -28.69 34.44
N SER A 104 -11.77 -28.63 33.14
CA SER A 104 -10.78 -29.48 32.48
C SER A 104 -9.35 -29.02 32.69
N PRO A 105 -9.12 -27.69 32.76
CA PRO A 105 -10.06 -26.58 32.52
C PRO A 105 -10.40 -26.41 31.04
N LEU A 106 -11.41 -25.60 30.77
CA LEU A 106 -11.89 -25.39 29.40
C LEU A 106 -11.39 -24.08 28.80
N VAL A 107 -10.58 -24.18 27.75
CA VAL A 107 -10.18 -23.01 26.98
C VAL A 107 -11.28 -22.70 25.96
N VAL A 108 -11.90 -21.53 26.07
CA VAL A 108 -13.00 -21.20 25.17
C VAL A 108 -12.61 -20.14 24.14
N LEU A 109 -12.93 -20.42 22.88
CA LEU A 109 -12.50 -19.60 21.76
C LEU A 109 -13.70 -19.26 20.88
N PRO A 110 -13.62 -18.15 20.13
CA PRO A 110 -14.72 -17.83 19.21
C PRO A 110 -14.81 -18.90 18.12
N TYR A 111 -16.03 -19.31 17.80
CA TYR A 111 -16.24 -20.32 16.78
C TYR A 111 -16.04 -19.71 15.40
N MET A 112 -15.39 -20.46 14.52
CA MET A 112 -15.08 -19.96 13.18
C MET A 112 -15.94 -20.66 12.14
N LYS A 113 -16.92 -19.93 11.62
CA LYS A 113 -17.95 -20.51 10.75
C LYS A 113 -17.37 -21.40 9.66
N HIS A 114 -16.26 -20.97 9.07
CA HIS A 114 -15.75 -21.64 7.88
C HIS A 114 -14.54 -22.56 8.10
N GLY A 115 -14.19 -22.76 9.36
CA GLY A 115 -13.14 -23.72 9.69
C GLY A 115 -11.76 -23.23 9.31
N ASP A 116 -10.85 -24.17 9.08
CA ASP A 116 -9.46 -23.84 8.80
C ASP A 116 -9.29 -23.43 7.33
N LEU A 117 -8.32 -22.55 7.10
CA LEU A 117 -8.09 -21.98 5.78
C LEU A 117 -7.77 -23.03 4.73
N ARG A 118 -7.01 -24.07 5.11
CA ARG A 118 -6.62 -25.08 4.12
C ARG A 118 -7.82 -25.86 3.57
N ASN A 119 -8.68 -26.38 4.46
CA ASN A 119 -9.85 -27.10 4.00
C ASN A 119 -10.77 -26.18 3.22
N PHE A 120 -10.80 -24.91 3.58
CA PHE A 120 -11.68 -23.95 2.90
C PHE A 120 -11.28 -23.79 1.43
N ILE A 121 -10.00 -23.59 1.15
CA ILE A 121 -9.59 -23.36 -0.23
C ILE A 121 -9.58 -24.65 -1.05
N ARG A 122 -9.48 -25.80 -0.38
CA ARG A 122 -9.51 -27.09 -1.08
C ARG A 122 -10.93 -27.46 -1.54
N ASN A 123 -11.93 -26.83 -0.94
CA ASN A 123 -13.31 -27.27 -1.14
C ASN A 123 -13.74 -26.95 -2.56
N GLU A 124 -14.09 -27.98 -3.33
CA GLU A 124 -14.41 -27.81 -4.74
C GLU A 124 -15.67 -26.99 -4.98
N THR A 125 -16.44 -26.76 -3.93
CA THR A 125 -17.68 -25.98 -4.08
C THR A 125 -17.44 -24.50 -3.83
N HIS A 126 -16.21 -24.13 -3.46
CA HIS A 126 -15.86 -22.72 -3.36
C HIS A 126 -15.17 -22.27 -4.64
N ASN A 127 -15.40 -21.03 -5.04
CA ASN A 127 -14.84 -20.51 -6.29
C ASN A 127 -14.01 -19.25 -6.06
N PRO A 128 -12.85 -19.38 -5.40
CA PRO A 128 -11.99 -18.24 -5.10
C PRO A 128 -11.35 -17.62 -6.36
N THR A 129 -11.08 -16.33 -6.31
CA THR A 129 -10.35 -15.65 -7.34
C THR A 129 -8.92 -15.42 -6.82
N VAL A 130 -8.03 -15.01 -7.71
CA VAL A 130 -6.68 -14.64 -7.33
C VAL A 130 -6.75 -13.57 -6.24
N LYS A 131 -7.62 -12.58 -6.45
CA LYS A 131 -7.79 -11.53 -5.46
C LYS A 131 -8.18 -12.06 -4.07
N ASP A 132 -9.13 -13.00 -4.01
CA ASP A 132 -9.54 -13.57 -2.72
C ASP A 132 -8.38 -14.24 -1.99
N LEU A 133 -7.59 -15.01 -2.74
CA LEU A 133 -6.54 -15.82 -2.13
C LEU A 133 -5.40 -14.92 -1.64
N ILE A 134 -4.99 -13.97 -2.46
CA ILE A 134 -3.98 -12.98 -2.06
C ILE A 134 -4.53 -12.21 -0.87
N GLY A 135 -5.82 -11.93 -0.89
CA GLY A 135 -6.44 -11.27 0.25
C GLY A 135 -6.30 -12.05 1.54
N PHE A 136 -6.50 -13.37 1.47
CA PHE A 136 -6.31 -14.21 2.65
C PHE A 136 -4.85 -14.15 3.11
N GLY A 137 -3.93 -14.09 2.16
CA GLY A 137 -2.51 -14.05 2.50
C GLY A 137 -1.99 -12.64 2.64
N LEU A 138 -2.92 -11.71 2.86
CA LEU A 138 -2.59 -10.37 3.32
C LEU A 138 -3.08 -10.33 4.77
N GLN A 139 -4.24 -10.95 4.99
CA GLN A 139 -4.81 -11.00 6.34
C GLN A 139 -3.90 -11.77 7.29
N VAL A 140 -3.36 -12.88 6.83
CA VAL A 140 -2.40 -13.63 7.63
C VAL A 140 -1.16 -12.81 7.96
N ALA A 141 -0.63 -12.08 6.96
CA ALA A 141 0.54 -11.24 7.22
C ALA A 141 0.25 -10.18 8.27
N LYS A 142 -0.97 -9.67 8.27
CA LYS A 142 -1.35 -8.64 9.24
C LYS A 142 -1.42 -9.23 10.65
N GLY A 143 -1.99 -10.42 10.75
CA GLY A 143 -2.01 -11.13 12.03
C GLY A 143 -0.62 -11.43 12.56
N MET A 144 0.25 -11.89 11.66
CA MET A 144 1.64 -12.16 12.02
C MET A 144 2.45 -10.90 12.35
N LYS A 145 2.15 -9.81 11.64
CA LYS A 145 2.78 -8.53 11.93
C LYS A 145 2.49 -8.16 13.38
N PHE A 146 1.24 -8.39 13.80
CA PHE A 146 0.84 -8.15 15.17
C PHE A 146 1.60 -9.06 16.13
N LEU A 147 1.60 -10.36 15.87
CA LEU A 147 2.31 -11.30 16.74
C LEU A 147 3.80 -10.97 16.86
N ALA A 148 4.43 -10.66 15.74
CA ALA A 148 5.85 -10.30 15.73
C ALA A 148 6.12 -9.02 16.52
N SER A 149 5.20 -8.07 16.50
CA SER A 149 5.38 -6.81 17.24
C SER A 149 5.40 -7.10 18.73
N LYS A 150 4.80 -8.22 19.11
CA LYS A 150 4.76 -8.67 20.49
C LYS A 150 5.93 -9.61 20.77
N LYS A 151 6.84 -9.72 19.80
CA LYS A 151 8.00 -10.59 19.93
C LYS A 151 7.54 -12.00 20.25
N PHE A 152 6.42 -12.40 19.66
CA PHE A 152 5.88 -13.74 19.84
C PHE A 152 6.15 -14.57 18.56
N VAL A 153 6.87 -15.68 18.72
CA VAL A 153 7.18 -16.56 17.59
C VAL A 153 6.17 -17.70 17.50
N HIS A 154 5.56 -17.85 16.32
CA HIS A 154 4.49 -18.83 16.18
C HIS A 154 5.02 -20.27 16.15
N ARG A 155 5.99 -20.52 15.28
CA ARG A 155 6.66 -21.81 15.18
C ARG A 155 5.94 -22.83 14.29
N ASP A 156 4.64 -22.65 14.10
CA ASP A 156 3.87 -23.61 13.30
C ASP A 156 2.81 -22.92 12.44
N LEU A 157 3.24 -21.89 11.72
CA LEU A 157 2.36 -21.21 10.80
C LEU A 157 2.16 -22.08 9.56
N ALA A 158 0.89 -22.26 9.19
CA ALA A 158 0.51 -23.05 8.03
C ALA A 158 -0.99 -22.81 7.82
N ALA A 159 -1.46 -23.07 6.61
CA ALA A 159 -2.86 -22.79 6.28
C ALA A 159 -3.82 -23.56 7.20
N ARG A 160 -3.40 -24.75 7.63
CA ARG A 160 -4.24 -25.60 8.49
C ARG A 160 -4.45 -24.97 9.87
N ASN A 161 -3.61 -24.00 10.21
CA ASN A 161 -3.62 -23.37 11.53
C ASN A 161 -4.14 -21.94 11.49
N CYS A 162 -4.74 -21.57 10.37
CA CYS A 162 -5.50 -20.33 10.26
C CYS A 162 -6.97 -20.69 10.07
N MET A 163 -7.84 -19.85 10.61
CA MET A 163 -9.28 -20.08 10.59
C MET A 163 -9.97 -18.93 9.86
N LEU A 164 -11.20 -19.16 9.40
CA LEU A 164 -11.95 -18.16 8.64
C LEU A 164 -13.33 -18.03 9.29
N ASP A 165 -13.74 -16.81 9.62
CA ASP A 165 -15.05 -16.61 10.24
C ASP A 165 -16.13 -16.25 9.21
N GLU A 166 -17.30 -15.82 9.68
CA GLU A 166 -18.47 -15.68 8.81
C GLU A 166 -18.37 -14.48 7.85
N LYS A 167 -17.45 -13.56 8.14
CA LYS A 167 -17.21 -12.42 7.28
C LYS A 167 -15.98 -12.70 6.41
N PHE A 168 -15.49 -13.93 6.48
CA PHE A 168 -14.29 -14.36 5.76
C PHE A 168 -13.05 -13.61 6.23
N THR A 169 -13.03 -13.27 7.51
CA THR A 169 -11.85 -12.70 8.13
C THR A 169 -10.99 -13.86 8.60
N VAL A 170 -9.70 -13.81 8.26
CA VAL A 170 -8.77 -14.87 8.63
C VAL A 170 -8.19 -14.61 10.00
N LYS A 171 -8.18 -15.65 10.84
CA LYS A 171 -7.61 -15.59 12.18
C LYS A 171 -6.43 -16.56 12.29
N VAL A 172 -5.22 -16.02 12.50
CA VAL A 172 -4.08 -16.89 12.80
C VAL A 172 -4.35 -17.60 14.12
N ALA A 173 -4.24 -18.92 14.12
CA ALA A 173 -4.58 -19.70 15.29
C ALA A 173 -3.48 -20.66 15.70
N ASP A 174 -3.83 -21.64 16.52
CA ASP A 174 -2.89 -22.66 16.98
C ASP A 174 -1.70 -22.07 17.72
N PHE A 175 -1.97 -21.24 18.72
CA PHE A 175 -0.94 -20.73 19.61
C PHE A 175 -1.54 -20.43 20.96
N GLY A 176 -0.69 -20.27 21.97
CA GLY A 176 -1.18 -20.08 23.32
C GLY A 176 -1.72 -21.39 23.87
N LEU A 177 -2.82 -21.32 24.61
CA LEU A 177 -3.40 -22.51 25.23
C LEU A 177 -3.96 -23.46 24.18
N ALA A 178 -4.47 -22.92 23.09
CA ALA A 178 -5.08 -23.72 22.02
C ALA A 178 -4.04 -24.20 21.02
N ARG A 179 -2.82 -24.47 21.52
CA ARG A 179 -1.73 -24.93 20.68
C ARG A 179 -1.58 -26.45 20.79
N ASP A 180 -1.70 -27.13 19.66
CA ASP A 180 -1.69 -28.60 19.66
C ASP A 180 -1.48 -29.13 18.25
N MET A 181 -1.18 -30.42 18.14
CA MET A 181 -1.14 -31.10 16.86
C MET A 181 -2.42 -31.89 16.67
N TYR A 182 -3.34 -31.35 15.88
CA TYR A 182 -4.65 -31.97 15.69
C TYR A 182 -4.65 -32.88 14.46
N TRP A 201 7.35 -26.70 6.35
CA TRP A 201 7.07 -25.28 6.59
C TRP A 201 8.25 -24.59 7.30
N MET A 202 9.26 -25.37 7.67
CA MET A 202 10.35 -24.87 8.51
C MET A 202 11.49 -24.26 7.71
N ALA A 203 12.08 -23.19 8.24
CA ALA A 203 13.23 -22.56 7.59
C ALA A 203 14.45 -23.48 7.65
N LEU A 204 15.35 -23.32 6.70
CA LEU A 204 16.58 -24.11 6.64
C LEU A 204 17.29 -24.19 7.99
N GLU A 205 17.54 -23.03 8.59
CA GLU A 205 18.30 -22.98 9.83
C GLU A 205 17.55 -23.65 10.98
N SER A 206 16.23 -23.62 10.93
CA SER A 206 15.42 -24.28 11.96
C SER A 206 15.54 -25.80 11.88
N LEU A 207 15.65 -26.33 10.66
CA LEU A 207 15.83 -27.76 10.47
C LEU A 207 17.21 -28.20 10.93
N GLN A 208 18.11 -27.24 11.06
CA GLN A 208 19.50 -27.52 11.41
C GLN A 208 19.80 -27.25 12.90
N THR A 209 19.04 -26.36 13.52
CA THR A 209 19.32 -25.93 14.88
C THR A 209 18.15 -26.18 15.82
N GLN A 210 16.96 -26.38 15.25
CA GLN A 210 15.74 -26.54 16.03
C GLN A 210 15.40 -25.25 16.78
N LYS A 211 15.97 -24.14 16.33
CA LYS A 211 15.64 -22.83 16.88
C LYS A 211 14.62 -22.13 15.98
N PHE A 212 13.67 -21.44 16.59
CA PHE A 212 12.67 -20.71 15.84
C PHE A 212 12.70 -19.22 16.17
N THR A 213 12.57 -18.39 15.13
CA THR A 213 12.55 -16.94 15.28
C THR A 213 11.39 -16.41 14.42
N THR A 214 11.12 -15.12 14.51
CA THR A 214 10.12 -14.51 13.63
C THR A 214 10.58 -14.65 12.18
N LYS A 215 11.88 -14.65 11.95
CA LYS A 215 12.40 -14.83 10.60
C LYS A 215 12.10 -16.22 10.04
N SER A 216 11.96 -17.21 10.91
CA SER A 216 11.61 -18.55 10.45
C SER A 216 10.08 -18.65 10.28
N ASP A 217 9.34 -17.83 11.01
CA ASP A 217 7.91 -17.67 10.76
C ASP A 217 7.68 -17.12 9.35
N VAL A 218 8.58 -16.25 8.91
CA VAL A 218 8.47 -15.64 7.58
C VAL A 218 8.63 -16.71 6.50
N TRP A 219 9.63 -17.58 6.66
CA TRP A 219 9.78 -18.72 5.74
C TRP A 219 8.46 -19.49 5.68
N SER A 220 7.90 -19.83 6.85
CA SER A 220 6.63 -20.55 6.94
C SER A 220 5.52 -19.82 6.20
N PHE A 221 5.46 -18.51 6.36
CA PHE A 221 4.47 -17.70 5.68
C PHE A 221 4.60 -17.81 4.15
N GLY A 222 5.83 -17.86 3.67
CA GLY A 222 6.03 -18.06 2.24
C GLY A 222 5.39 -19.36 1.79
N VAL A 223 5.54 -20.41 2.58
CA VAL A 223 4.97 -21.71 2.22
C VAL A 223 3.44 -21.59 2.31
N LEU A 224 2.97 -20.80 3.26
CA LEU A 224 1.53 -20.60 3.41
C LEU A 224 0.94 -19.88 2.19
N LEU A 225 1.66 -18.90 1.65
CA LEU A 225 1.23 -18.24 0.41
C LEU A 225 1.16 -19.26 -0.75
N TRP A 226 2.10 -20.20 -0.77
CA TRP A 226 2.11 -21.22 -1.83
C TRP A 226 0.86 -22.10 -1.69
N GLU A 227 0.53 -22.47 -0.45
CA GLU A 227 -0.68 -23.23 -0.15
C GLU A 227 -1.93 -22.52 -0.67
N LEU A 228 -2.02 -21.23 -0.37
CA LEU A 228 -3.15 -20.42 -0.79
C LEU A 228 -3.29 -20.47 -2.31
N MET A 229 -2.19 -20.23 -3.01
CA MET A 229 -2.28 -20.12 -4.46
C MET A 229 -2.42 -21.47 -5.19
N THR A 230 -2.11 -22.58 -4.50
CA THR A 230 -2.37 -23.92 -5.05
C THR A 230 -3.73 -24.46 -4.57
N ARG A 231 -4.47 -23.62 -3.85
CA ARG A 231 -5.69 -24.05 -3.17
C ARG A 231 -5.48 -25.31 -2.30
N GLY A 232 -4.44 -25.29 -1.48
CA GLY A 232 -4.31 -26.28 -0.41
C GLY A 232 -3.59 -27.54 -0.81
N ALA A 233 -2.75 -27.47 -1.83
CA ALA A 233 -1.93 -28.62 -2.21
C ALA A 233 -0.86 -28.85 -1.15
N PRO A 234 -0.47 -30.11 -0.93
CA PRO A 234 0.63 -30.43 -0.01
C PRO A 234 1.94 -29.92 -0.60
N PRO A 235 2.75 -29.22 0.22
CA PRO A 235 4.04 -28.75 -0.27
C PRO A 235 5.01 -29.92 -0.49
N TYR A 236 5.81 -29.84 -1.55
CA TYR A 236 6.79 -30.87 -1.88
C TYR A 236 6.23 -32.30 -1.79
N PRO A 237 5.14 -32.58 -2.52
CA PRO A 237 4.45 -33.86 -2.37
C PRO A 237 5.31 -35.10 -2.64
N ASP A 238 6.19 -35.01 -3.63
CA ASP A 238 7.05 -36.14 -3.97
C ASP A 238 8.37 -36.10 -3.20
N VAL A 239 8.38 -35.40 -2.06
CA VAL A 239 9.58 -35.31 -1.23
C VAL A 239 9.32 -35.89 0.15
N ASN A 240 10.31 -36.56 0.73
CA ASN A 240 10.17 -37.13 2.06
C ASN A 240 10.69 -36.18 3.14
N THR A 241 10.11 -36.28 4.33
CA THR A 241 10.35 -35.30 5.39
C THR A 241 11.78 -35.36 5.94
N PHE A 242 12.37 -36.55 5.96
CA PHE A 242 13.69 -36.73 6.53
C PHE A 242 14.77 -35.99 5.75
N ASP A 243 14.51 -35.77 4.47
CA ASP A 243 15.54 -35.27 3.58
C ASP A 243 15.21 -33.91 2.98
N ILE A 244 14.27 -33.19 3.60
CA ILE A 244 13.89 -31.87 3.10
C ILE A 244 15.09 -30.93 3.11
N THR A 245 15.95 -31.06 4.13
CA THR A 245 17.12 -30.20 4.24
C THR A 245 18.07 -30.50 3.09
N VAL A 246 18.31 -31.78 2.82
CA VAL A 246 19.13 -32.18 1.68
C VAL A 246 18.49 -31.65 0.40
N TYR A 247 17.17 -31.77 0.31
CA TYR A 247 16.43 -31.32 -0.85
C TYR A 247 16.65 -29.83 -1.10
N LEU A 248 16.48 -29.03 -0.05
CA LEU A 248 16.64 -27.59 -0.20
C LEU A 248 18.08 -27.20 -0.54
N LEU A 249 19.04 -27.87 0.10
CA LEU A 249 20.45 -27.54 -0.11
C LEU A 249 21.00 -27.96 -1.48
N GLN A 250 20.20 -28.68 -2.27
CA GLN A 250 20.56 -28.96 -3.65
C GLN A 250 20.27 -27.73 -4.53
N GLY A 251 19.60 -26.74 -3.95
CA GLY A 251 19.33 -25.51 -4.68
C GLY A 251 17.89 -25.40 -5.15
N ARG A 252 16.95 -25.85 -4.32
CA ARG A 252 15.56 -25.94 -4.74
C ARG A 252 14.57 -25.17 -3.86
N ARG A 253 13.43 -24.82 -4.45
CA ARG A 253 12.28 -24.24 -3.74
C ARG A 253 11.00 -24.78 -4.38
N LEU A 254 9.86 -24.51 -3.75
CA LEU A 254 8.55 -24.82 -4.34
C LEU A 254 8.37 -24.06 -5.66
N LEU A 255 7.75 -24.72 -6.63
CA LEU A 255 7.50 -24.12 -7.93
C LEU A 255 6.45 -23.02 -7.85
N GLN A 256 6.45 -22.12 -8.83
CA GLN A 256 5.42 -21.09 -8.92
C GLN A 256 4.09 -21.71 -9.30
N PRO A 257 3.05 -21.54 -8.46
CA PRO A 257 1.71 -22.02 -8.81
C PRO A 257 1.20 -21.38 -10.11
N GLU A 258 0.48 -22.17 -10.90
CA GLU A 258 -0.09 -21.69 -12.16
C GLU A 258 -0.85 -20.38 -12.02
N TYR A 259 -1.57 -20.22 -10.91
CA TYR A 259 -2.41 -19.03 -10.74
C TYR A 259 -1.74 -17.97 -9.87
N CYS A 260 -0.45 -18.12 -9.61
CA CYS A 260 0.26 -17.17 -8.77
C CYS A 260 0.91 -16.06 -9.60
N PRO A 261 0.55 -14.80 -9.31
CA PRO A 261 1.16 -13.60 -9.92
C PRO A 261 2.68 -13.63 -9.72
N ASP A 262 3.44 -13.29 -10.77
CA ASP A 262 4.89 -13.20 -10.71
C ASP A 262 5.41 -12.43 -9.47
N PRO A 263 4.83 -11.24 -9.20
CA PRO A 263 5.31 -10.52 -8.01
C PRO A 263 5.07 -11.25 -6.69
N LEU A 264 3.98 -12.01 -6.61
CA LEU A 264 3.71 -12.75 -5.38
C LEU A 264 4.71 -13.91 -5.23
N TYR A 265 5.14 -14.48 -6.35
CA TYR A 265 6.15 -15.54 -6.29
C TYR A 265 7.52 -14.97 -5.90
N GLU A 266 7.81 -13.77 -6.37
CA GLU A 266 9.02 -13.08 -5.96
C GLU A 266 9.00 -12.85 -4.46
N VAL A 267 7.82 -12.52 -3.94
CA VAL A 267 7.63 -12.41 -2.49
C VAL A 267 7.90 -13.74 -1.78
N MET A 268 7.43 -14.85 -2.35
CA MET A 268 7.67 -16.16 -1.75
C MET A 268 9.18 -16.42 -1.68
N LEU A 269 9.86 -16.18 -2.79
CA LEU A 269 11.29 -16.41 -2.86
C LEU A 269 12.05 -15.58 -1.83
N LYS A 270 11.58 -14.36 -1.59
CA LYS A 270 12.15 -13.50 -0.54
C LYS A 270 11.96 -14.07 0.88
N CYS A 271 10.78 -14.63 1.13
CA CYS A 271 10.49 -15.28 2.40
C CYS A 271 11.41 -16.48 2.64
N TRP A 272 11.96 -17.02 1.55
CA TRP A 272 12.77 -18.24 1.63
C TRP A 272 14.24 -17.93 1.44
N HIS A 273 14.60 -16.65 1.53
CA HIS A 273 16.01 -16.27 1.43
C HIS A 273 16.85 -17.17 2.34
N PRO A 274 18.03 -17.61 1.86
CA PRO A 274 18.91 -18.44 2.69
C PRO A 274 19.46 -17.74 3.93
N LYS A 275 19.63 -16.42 3.86
CA LYS A 275 20.02 -15.65 5.04
C LYS A 275 18.77 -15.12 5.75
N ALA A 276 18.54 -15.58 6.97
CA ALA A 276 17.32 -15.22 7.69
C ALA A 276 17.15 -13.71 7.82
N GLU A 277 18.25 -13.01 8.07
CA GLU A 277 18.18 -11.56 8.29
C GLU A 277 17.82 -10.79 7.03
N MET A 278 17.88 -11.47 5.88
CA MET A 278 17.59 -10.84 4.60
C MET A 278 16.15 -11.05 4.17
N ARG A 279 15.42 -11.90 4.88
CA ARG A 279 13.98 -12.06 4.64
C ARG A 279 13.23 -10.81 5.05
N PRO A 280 12.11 -10.52 4.38
CA PRO A 280 11.28 -9.36 4.74
C PRO A 280 10.69 -9.50 6.13
N SER A 281 10.51 -8.38 6.81
CA SER A 281 9.70 -8.38 8.03
C SER A 281 8.26 -8.58 7.61
N PHE A 282 7.40 -8.94 8.57
CA PHE A 282 5.98 -9.01 8.28
C PHE A 282 5.38 -7.65 7.96
N SER A 283 5.97 -6.59 8.49
CA SER A 283 5.51 -5.25 8.12
C SER A 283 5.77 -4.99 6.64
N GLU A 284 6.93 -5.43 6.14
CA GLU A 284 7.23 -5.33 4.72
C GLU A 284 6.28 -6.19 3.90
N LEU A 285 6.02 -7.41 4.38
CA LEU A 285 5.13 -8.32 3.67
C LEU A 285 3.70 -7.75 3.58
N VAL A 286 3.22 -7.11 4.65
CA VAL A 286 1.89 -6.50 4.62
C VAL A 286 1.88 -5.42 3.56
N SER A 287 2.95 -4.63 3.50
CA SER A 287 3.04 -3.50 2.58
C SER A 287 3.02 -3.98 1.13
N ARG A 288 3.90 -4.94 0.83
CA ARG A 288 4.07 -5.43 -0.54
C ARG A 288 2.85 -6.18 -1.03
N ILE A 289 2.25 -6.97 -0.15
CA ILE A 289 1.11 -7.77 -0.55
C ILE A 289 -0.15 -6.91 -0.65
N SER A 290 -0.23 -5.83 0.13
CA SER A 290 -1.38 -4.95 0.01
C SER A 290 -1.37 -4.31 -1.37
N ALA A 291 -0.17 -4.06 -1.90
CA ALA A 291 -0.03 -3.44 -3.22
C ALA A 291 -0.42 -4.43 -4.32
N ILE A 292 0.12 -5.64 -4.26
CA ILE A 292 -0.18 -6.67 -5.25
C ILE A 292 -1.69 -6.92 -5.26
N PHE A 293 -2.27 -7.05 -4.06
CA PHE A 293 -3.69 -7.28 -3.89
C PHE A 293 -4.52 -6.20 -4.57
N SER A 294 -4.13 -4.94 -4.37
CA SER A 294 -4.90 -3.81 -4.90
C SER A 294 -4.99 -3.81 -6.43
N THR A 295 -4.11 -4.54 -7.11
CA THR A 295 -4.14 -4.53 -8.57
C THR A 295 -5.18 -5.48 -9.17
N PHE A 296 -5.75 -6.35 -8.34
CA PHE A 296 -6.72 -7.30 -8.87
C PHE A 296 -8.15 -6.84 -8.63
N ILE A 297 -9.07 -7.31 -9.45
CA ILE A 297 -10.47 -6.89 -9.36
C ILE A 297 -11.41 -8.09 -9.20
N GLY A 298 -10.85 -9.28 -9.17
CA GLY A 298 -11.65 -10.47 -8.90
C GLY A 298 -12.20 -11.12 -10.15
N GLU A 299 -11.50 -10.97 -11.27
CA GLU A 299 -11.94 -11.58 -12.52
C GLU A 299 -11.20 -12.87 -12.84
N HIS A 300 -10.12 -13.15 -12.08
CA HIS A 300 -9.33 -14.35 -12.34
C HIS A 300 -9.65 -15.49 -11.37
N TYR A 301 -10.30 -16.52 -11.87
CA TYR A 301 -10.64 -17.64 -11.02
C TYR A 301 -9.51 -18.66 -10.92
N VAL A 302 -9.27 -19.15 -9.71
CA VAL A 302 -8.21 -20.12 -9.46
C VAL A 302 -8.80 -21.52 -9.33
N HIS A 303 -8.26 -22.43 -10.14
CA HIS A 303 -8.75 -23.79 -10.20
C HIS A 303 -7.73 -24.75 -9.60
N VAL A 304 -8.18 -25.94 -9.24
CA VAL A 304 -7.32 -26.88 -8.57
C VAL A 304 -6.43 -27.57 -9.60
N ASN A 305 -5.21 -27.90 -9.19
CA ASN A 305 -4.23 -28.49 -10.08
C ASN A 305 -4.41 -30.01 -10.14
N ALA A 306 -4.60 -30.53 -11.36
CA ALA A 306 -4.86 -31.96 -11.56
C ALA A 306 -3.85 -32.86 -10.88
N THR A 307 -2.57 -32.48 -10.91
CA THR A 307 -1.51 -33.30 -10.33
C THR A 307 -1.48 -33.19 -8.82
N TYR A 308 -2.14 -32.17 -8.27
CA TYR A 308 -2.01 -31.81 -6.86
C TYR A 308 -3.30 -31.22 -6.30
N VAL B 15 -13.46 41.32 -29.81
CA VAL B 15 -12.06 41.68 -29.98
C VAL B 15 -11.58 42.56 -28.82
N GLN B 16 -12.48 43.38 -28.29
CA GLN B 16 -12.13 44.33 -27.24
C GLN B 16 -12.57 43.87 -25.87
N ALA B 17 -13.33 42.76 -25.83
CA ALA B 17 -13.83 42.22 -24.57
C ALA B 17 -12.87 41.16 -24.02
N VAL B 18 -11.58 41.38 -24.22
CA VAL B 18 -10.56 40.46 -23.71
C VAL B 18 -9.30 41.24 -23.33
N GLN B 19 -9.47 42.53 -23.10
CA GLN B 19 -8.34 43.41 -22.83
C GLN B 19 -7.83 43.31 -21.39
N HIS B 20 -8.73 43.02 -20.46
CA HIS B 20 -8.35 42.94 -19.06
C HIS B 20 -7.32 41.85 -18.84
N VAL B 21 -7.21 40.96 -19.81
CA VAL B 21 -6.18 39.92 -19.80
C VAL B 21 -4.89 40.48 -20.38
N VAL B 22 -5.01 41.20 -21.50
CA VAL B 22 -3.86 41.72 -22.21
C VAL B 22 -3.17 42.84 -21.43
N ILE B 23 -1.85 42.93 -21.58
CA ILE B 23 -1.08 44.03 -21.02
C ILE B 23 -0.52 44.89 -22.15
N GLY B 24 -0.37 46.19 -21.89
CA GLY B 24 0.05 47.10 -22.93
C GLY B 24 1.34 47.83 -22.63
N PRO B 25 1.31 49.17 -22.63
CA PRO B 25 2.48 50.01 -22.34
C PRO B 25 2.91 49.93 -20.88
N GLY B 42 9.19 27.86 -26.90
CA GLY B 42 10.29 28.71 -26.49
C GLY B 42 10.77 28.39 -25.09
N CYS B 43 11.51 29.31 -24.50
CA CYS B 43 12.01 29.16 -23.13
C CYS B 43 11.62 30.35 -22.26
N VAL B 44 11.86 30.22 -20.96
CA VAL B 44 11.38 31.20 -19.99
C VAL B 44 12.52 32.10 -19.51
N TYR B 45 12.18 33.35 -19.21
CA TYR B 45 13.19 34.33 -18.79
C TYR B 45 12.74 35.06 -17.52
N HIS B 46 13.71 35.54 -16.74
CA HIS B 46 13.40 36.37 -15.58
C HIS B 46 12.81 37.70 -16.06
N GLY B 47 11.93 38.28 -15.26
CA GLY B 47 11.27 39.50 -15.69
C GLY B 47 10.87 40.41 -14.54
N THR B 48 10.79 41.71 -14.81
CA THR B 48 10.46 42.69 -13.79
C THR B 48 9.15 43.41 -14.10
N LEU B 49 8.37 43.67 -13.06
CA LEU B 49 7.15 44.46 -13.19
C LEU B 49 6.21 43.84 -14.21
N LYS B 56 7.48 47.10 -8.31
CA LYS B 56 8.31 46.20 -9.10
C LYS B 56 8.25 44.77 -8.56
N ILE B 57 7.59 43.89 -9.29
CA ILE B 57 7.49 42.49 -8.89
C ILE B 57 8.27 41.57 -9.82
N HIS B 58 8.88 40.54 -9.24
CA HIS B 58 9.68 39.59 -9.99
C HIS B 58 8.77 38.59 -10.70
N CYS B 59 8.96 38.43 -12.00
CA CYS B 59 8.10 37.57 -12.81
C CYS B 59 8.94 36.61 -13.65
N ALA B 60 8.26 35.64 -14.26
CA ALA B 60 8.87 34.79 -15.28
C ALA B 60 8.13 34.96 -16.60
N VAL B 61 8.83 35.50 -17.59
CA VAL B 61 8.22 35.76 -18.89
C VAL B 61 8.59 34.67 -19.88
N LYS B 62 7.57 34.11 -20.53
CA LYS B 62 7.76 33.06 -21.54
C LYS B 62 7.60 33.61 -22.95
N SER B 63 8.45 33.15 -23.86
CA SER B 63 8.38 33.57 -25.25
C SER B 63 7.95 32.41 -26.14
N VAL B 73 -6.20 32.43 -32.14
CA VAL B 73 -6.18 33.61 -31.27
C VAL B 73 -7.27 33.54 -30.20
N SER B 74 -8.42 32.98 -30.57
CA SER B 74 -9.50 32.77 -29.61
C SER B 74 -9.31 31.40 -28.94
N GLN B 75 -8.15 30.81 -29.14
CA GLN B 75 -7.67 29.74 -28.28
C GLN B 75 -6.61 30.40 -27.41
N PHE B 76 -6.09 31.52 -27.93
CA PHE B 76 -5.11 32.33 -27.24
C PHE B 76 -5.84 33.39 -26.40
N LEU B 77 -7.16 33.45 -26.55
CA LEU B 77 -7.96 34.46 -25.86
C LEU B 77 -9.17 33.90 -25.11
N THR B 78 -9.71 32.77 -25.59
CA THR B 78 -10.78 32.10 -24.86
C THR B 78 -10.22 31.51 -23.58
N GLU B 79 -9.22 30.64 -23.72
CA GLU B 79 -8.46 30.19 -22.56
C GLU B 79 -7.36 31.21 -22.28
N GLY B 80 -7.50 32.39 -22.90
CA GLY B 80 -6.71 33.53 -22.49
C GLY B 80 -7.46 34.29 -21.41
N ILE B 81 -8.79 34.29 -21.52
CA ILE B 81 -9.65 34.76 -20.44
C ILE B 81 -9.72 33.69 -19.38
N ILE B 82 -9.68 32.43 -19.81
CA ILE B 82 -9.82 31.29 -18.90
C ILE B 82 -8.58 31.09 -18.05
N MET B 83 -7.40 31.22 -18.64
CA MET B 83 -6.17 31.10 -17.87
C MET B 83 -6.03 32.29 -16.93
N LYS B 84 -6.63 33.41 -17.32
CA LYS B 84 -6.71 34.58 -16.43
C LYS B 84 -7.76 34.29 -15.37
N ASP B 85 -8.53 33.22 -15.59
CA ASP B 85 -9.61 32.86 -14.68
C ASP B 85 -9.26 31.62 -13.85
N PHE B 86 -8.14 30.99 -14.17
CA PHE B 86 -7.62 29.90 -13.35
C PHE B 86 -6.80 30.49 -12.21
N SER B 87 -7.51 31.08 -11.25
CA SER B 87 -6.89 31.74 -10.11
C SER B 87 -7.18 30.95 -8.84
N HIS B 88 -6.11 30.44 -8.21
CA HIS B 88 -6.21 29.63 -7.01
C HIS B 88 -4.85 29.61 -6.34
N PRO B 89 -4.81 29.62 -5.00
CA PRO B 89 -3.56 29.65 -4.24
C PRO B 89 -2.58 28.53 -4.57
N ASN B 90 -3.10 27.43 -5.10
CA ASN B 90 -2.28 26.27 -5.40
C ASN B 90 -2.19 25.96 -6.89
N VAL B 91 -2.41 26.99 -7.71
CA VAL B 91 -2.27 26.89 -9.16
C VAL B 91 -1.51 28.11 -9.66
N LEU B 92 -0.56 27.89 -10.56
CA LEU B 92 0.25 28.98 -11.10
C LEU B 92 -0.61 29.96 -11.88
N SER B 93 -0.50 31.23 -11.53
CA SER B 93 -1.35 32.28 -12.10
C SER B 93 -0.88 32.71 -13.49
N LEU B 94 -1.79 33.36 -14.21
CA LEU B 94 -1.41 34.17 -15.36
C LEU B 94 -1.39 35.63 -14.90
N LEU B 95 -0.21 36.24 -14.88
CA LEU B 95 -0.08 37.63 -14.50
C LEU B 95 -0.56 38.53 -15.64
N GLY B 96 -0.49 38.01 -16.86
CA GLY B 96 -0.94 38.78 -18.01
C GLY B 96 -0.28 38.28 -19.28
N ILE B 97 -0.83 38.69 -20.42
CA ILE B 97 -0.24 38.35 -21.72
C ILE B 97 0.17 39.62 -22.45
N CYS B 98 1.15 39.49 -23.33
CA CYS B 98 1.67 40.64 -24.05
C CYS B 98 1.75 40.35 -25.54
N LEU B 99 0.67 40.68 -26.26
CA LEU B 99 0.60 40.44 -27.70
C LEU B 99 1.40 41.49 -28.45
N ARG B 100 1.74 42.57 -27.76
CA ARG B 100 2.38 43.71 -28.40
C ARG B 100 3.91 43.67 -28.30
N SER B 101 4.59 44.01 -29.39
CA SER B 101 3.94 44.34 -30.65
C SER B 101 4.85 44.07 -31.84
N GLU B 102 5.08 42.80 -32.15
CA GLU B 102 4.50 41.72 -31.37
C GLU B 102 5.59 40.80 -30.79
N GLY B 103 5.40 40.37 -29.55
CA GLY B 103 6.44 39.67 -28.83
C GLY B 103 6.69 38.25 -29.30
N SER B 104 5.65 37.43 -29.28
CA SER B 104 5.80 36.02 -29.63
C SER B 104 4.48 35.27 -29.83
N PRO B 105 3.43 35.62 -29.07
CA PRO B 105 3.35 36.62 -27.99
C PRO B 105 4.05 36.21 -26.70
N LEU B 106 4.04 37.10 -25.71
CA LEU B 106 4.67 36.85 -24.43
C LEU B 106 3.66 36.41 -23.37
N VAL B 107 4.05 35.41 -22.59
CA VAL B 107 3.23 34.93 -21.48
C VAL B 107 3.97 35.20 -20.17
N VAL B 108 3.39 36.02 -19.31
CA VAL B 108 4.06 36.39 -18.07
C VAL B 108 3.43 35.69 -16.86
N LEU B 109 4.30 35.14 -16.01
CA LEU B 109 3.85 34.31 -14.90
C LEU B 109 4.56 34.76 -13.62
N PRO B 110 3.93 34.54 -12.46
CA PRO B 110 4.63 34.88 -11.21
C PRO B 110 5.87 34.03 -11.03
N TYR B 111 6.96 34.66 -10.58
CA TYR B 111 8.23 33.98 -10.44
C TYR B 111 8.24 33.13 -9.17
N MET B 112 8.82 31.93 -9.26
CA MET B 112 8.79 30.99 -8.15
C MET B 112 10.18 30.81 -7.54
N LYS B 113 10.39 31.40 -6.37
CA LYS B 113 11.71 31.49 -5.77
C LYS B 113 12.43 30.15 -5.66
N HIS B 114 11.68 29.10 -5.38
CA HIS B 114 12.30 27.81 -5.09
C HIS B 114 12.20 26.79 -6.22
N GLY B 115 11.76 27.25 -7.38
CA GLY B 115 11.75 26.41 -8.55
C GLY B 115 10.78 25.26 -8.47
N ASP B 116 11.05 24.18 -9.21
CA ASP B 116 10.12 23.07 -9.27
C ASP B 116 10.27 22.16 -8.05
N LEU B 117 9.16 21.54 -7.68
CA LEU B 117 9.06 20.74 -6.47
C LEU B 117 10.02 19.56 -6.43
N ARG B 118 10.27 18.92 -7.57
CA ARG B 118 11.14 17.76 -7.56
C ARG B 118 12.58 18.13 -7.21
N ASN B 119 13.12 19.14 -7.89
CA ASN B 119 14.49 19.55 -7.60
C ASN B 119 14.56 20.06 -6.18
N PHE B 120 13.50 20.72 -5.72
CA PHE B 120 13.49 21.22 -4.36
C PHE B 120 13.69 20.08 -3.36
N ILE B 121 12.94 19.01 -3.51
CA ILE B 121 13.03 17.93 -2.54
C ILE B 121 14.28 17.03 -2.71
N ARG B 122 14.88 17.05 -3.88
CA ARG B 122 16.11 16.27 -4.09
C ARG B 122 17.33 16.98 -3.52
N ASN B 123 17.20 18.28 -3.29
CA ASN B 123 18.37 19.07 -2.90
C ASN B 123 18.84 18.64 -1.52
N GLU B 124 20.08 18.17 -1.42
CA GLU B 124 20.58 17.61 -0.17
C GLU B 124 20.77 18.65 0.93
N THR B 125 20.69 19.93 0.58
CA THR B 125 20.81 20.99 1.60
C THR B 125 19.48 21.30 2.28
N HIS B 126 18.40 20.73 1.76
CA HIS B 126 17.09 20.87 2.40
C HIS B 126 16.85 19.72 3.37
N ASN B 127 16.11 20.01 4.44
CA ASN B 127 15.90 19.04 5.49
C ASN B 127 14.42 18.83 5.77
N PRO B 128 13.68 18.30 4.79
CA PRO B 128 12.24 18.12 4.99
C PRO B 128 11.89 17.09 6.05
N THR B 129 10.73 17.29 6.67
CA THR B 129 10.11 16.32 7.55
C THR B 129 8.98 15.59 6.81
N VAL B 130 8.50 14.49 7.38
CA VAL B 130 7.31 13.84 6.85
C VAL B 130 6.16 14.84 6.77
N LYS B 131 6.00 15.66 7.80
CA LYS B 131 4.94 16.66 7.78
C LYS B 131 5.08 17.60 6.59
N ASP B 132 6.30 18.07 6.31
CA ASP B 132 6.51 19.02 5.19
C ASP B 132 6.10 18.39 3.87
N LEU B 133 6.52 17.15 3.66
CA LEU B 133 6.31 16.48 2.38
C LEU B 133 4.85 16.16 2.15
N ILE B 134 4.17 15.68 3.18
CA ILE B 134 2.73 15.43 3.09
C ILE B 134 1.99 16.76 2.84
N GLY B 135 2.48 17.83 3.48
CA GLY B 135 1.93 19.15 3.26
C GLY B 135 1.99 19.61 1.81
N PHE B 136 3.13 19.37 1.15
CA PHE B 136 3.24 19.66 -0.27
C PHE B 136 2.24 18.86 -1.08
N GLY B 137 2.06 17.60 -0.69
CA GLY B 137 1.09 16.74 -1.36
C GLY B 137 -0.32 17.28 -1.20
N LEU B 138 -0.63 17.74 0.01
CA LEU B 138 -1.96 18.28 0.32
C LEU B 138 -2.20 19.50 -0.56
N GLN B 139 -1.18 20.36 -0.65
CA GLN B 139 -1.30 21.56 -1.46
C GLN B 139 -1.58 21.23 -2.93
N VAL B 140 -0.83 20.27 -3.47
CA VAL B 140 -1.05 19.82 -4.84
C VAL B 140 -2.48 19.31 -5.04
N ALA B 141 -2.97 18.52 -4.08
CA ALA B 141 -4.33 18.02 -4.17
C ALA B 141 -5.34 19.16 -4.18
N LYS B 142 -5.08 20.22 -3.43
CA LYS B 142 -5.99 21.36 -3.41
C LYS B 142 -6.01 22.08 -4.76
N GLY B 143 -4.84 22.26 -5.35
CA GLY B 143 -4.78 22.85 -6.69
C GLY B 143 -5.45 21.98 -7.72
N MET B 144 -5.33 20.67 -7.59
CA MET B 144 -5.96 19.77 -8.54
C MET B 144 -7.46 19.75 -8.33
N LYS B 145 -7.88 19.89 -7.08
CA LYS B 145 -9.30 19.93 -6.77
C LYS B 145 -9.93 21.13 -7.49
N PHE B 146 -9.20 22.24 -7.54
CA PHE B 146 -9.68 23.43 -8.24
C PHE B 146 -9.79 23.19 -9.73
N LEU B 147 -8.71 22.68 -10.34
CA LEU B 147 -8.70 22.47 -11.77
C LEU B 147 -9.77 21.48 -12.20
N ALA B 148 -9.92 20.39 -11.44
CA ALA B 148 -10.95 19.40 -11.75
C ALA B 148 -12.35 20.01 -11.64
N SER B 149 -12.53 20.96 -10.73
CA SER B 149 -13.83 21.61 -10.56
C SER B 149 -14.16 22.44 -11.80
N LYS B 150 -13.12 22.87 -12.50
CA LYS B 150 -13.28 23.59 -13.76
C LYS B 150 -13.29 22.62 -14.95
N LYS B 151 -13.37 21.33 -14.64
CA LYS B 151 -13.41 20.29 -15.66
C LYS B 151 -12.20 20.36 -16.57
N PHE B 152 -11.08 20.80 -15.99
CA PHE B 152 -9.82 20.86 -16.72
C PHE B 152 -8.96 19.64 -16.37
N VAL B 153 -8.57 18.88 -17.39
CA VAL B 153 -7.73 17.71 -17.17
C VAL B 153 -6.27 18.09 -17.43
N HIS B 154 -5.41 17.89 -16.44
CA HIS B 154 -4.03 18.34 -16.53
C HIS B 154 -3.23 17.52 -17.55
N ARG B 155 -3.21 16.21 -17.35
CA ARG B 155 -2.63 15.27 -18.31
C ARG B 155 -1.13 15.03 -18.09
N ASP B 156 -0.46 15.92 -17.37
CA ASP B 156 0.97 15.77 -17.11
C ASP B 156 1.34 16.19 -15.69
N LEU B 157 0.57 15.73 -14.71
CA LEU B 157 0.89 16.01 -13.32
C LEU B 157 2.09 15.18 -12.86
N ALA B 158 3.06 15.86 -12.26
CA ALA B 158 4.29 15.25 -11.78
C ALA B 158 4.98 16.33 -10.93
N ALA B 159 5.90 15.92 -10.07
CA ALA B 159 6.56 16.88 -9.18
C ALA B 159 7.32 17.93 -9.99
N ARG B 160 7.85 17.53 -11.14
CA ARG B 160 8.64 18.43 -11.99
C ARG B 160 7.79 19.58 -12.52
N ASN B 161 6.46 19.41 -12.46
CA ASN B 161 5.54 20.36 -13.07
C ASN B 161 4.77 21.14 -12.01
N CYS B 162 5.21 21.03 -10.77
CA CYS B 162 4.73 21.88 -9.69
C CYS B 162 5.86 22.80 -9.24
N MET B 163 5.50 24.03 -8.86
CA MET B 163 6.48 25.04 -8.45
C MET B 163 6.29 25.40 -6.98
N LEU B 164 7.29 26.06 -6.39
CA LEU B 164 7.31 26.44 -4.98
C LEU B 164 7.71 27.91 -4.88
N ASP B 165 6.88 28.74 -4.24
CA ASP B 165 7.22 30.15 -4.08
C ASP B 165 7.92 30.43 -2.74
N GLU B 166 8.12 31.70 -2.40
CA GLU B 166 8.95 32.06 -1.27
C GLU B 166 8.30 31.75 0.08
N LYS B 167 6.98 31.53 0.07
CA LYS B 167 6.28 31.12 1.28
C LYS B 167 6.16 29.60 1.34
N PHE B 168 6.81 28.90 0.41
CA PHE B 168 6.72 27.45 0.28
C PHE B 168 5.31 26.99 -0.06
N THR B 169 4.58 27.86 -0.77
CA THR B 169 3.28 27.50 -1.32
C THR B 169 3.52 26.80 -2.67
N VAL B 170 2.87 25.65 -2.84
CA VAL B 170 3.03 24.89 -4.07
C VAL B 170 2.03 25.34 -5.12
N LYS B 171 2.52 25.56 -6.34
CA LYS B 171 1.68 25.91 -7.46
C LYS B 171 1.73 24.80 -8.52
N VAL B 172 0.59 24.17 -8.78
CA VAL B 172 0.49 23.25 -9.91
C VAL B 172 0.70 24.08 -11.18
N ALA B 173 1.62 23.62 -12.02
CA ALA B 173 2.03 24.39 -13.19
C ALA B 173 1.96 23.56 -14.47
N ASP B 174 2.63 24.03 -15.51
CA ASP B 174 2.70 23.33 -16.78
C ASP B 174 1.33 23.03 -17.35
N PHE B 175 0.54 24.09 -17.56
CA PHE B 175 -0.72 23.99 -18.24
C PHE B 175 -1.12 25.38 -18.74
N GLY B 176 -2.07 25.43 -19.68
CA GLY B 176 -2.38 26.68 -20.33
C GLY B 176 -1.30 27.03 -21.33
N LEU B 177 -0.95 28.31 -21.42
CA LEU B 177 0.11 28.75 -22.33
C LEU B 177 1.47 28.74 -21.64
N ALA B 178 1.63 27.85 -20.68
CA ALA B 178 2.92 27.61 -20.04
C ALA B 178 3.25 26.12 -20.08
N ARG B 179 2.36 25.35 -20.69
CA ARG B 179 2.55 23.90 -20.77
C ARG B 179 3.52 23.59 -21.90
N ASP B 180 4.36 22.57 -21.66
CA ASP B 180 5.45 22.26 -22.57
C ASP B 180 6.26 21.11 -21.99
N MET B 181 7.17 20.57 -22.78
CA MET B 181 8.09 19.55 -22.30
C MET B 181 9.47 20.17 -22.10
N TYR B 182 9.80 20.50 -20.85
CA TYR B 182 11.08 21.13 -20.54
C TYR B 182 12.13 20.07 -20.20
N TRP B 201 3.86 8.26 -15.29
CA TRP B 201 2.84 8.90 -14.47
C TRP B 201 1.42 8.60 -14.96
N MET B 202 1.30 7.84 -16.04
CA MET B 202 0.01 7.66 -16.70
C MET B 202 -0.80 6.48 -16.18
N ALA B 203 -2.12 6.64 -16.17
CA ALA B 203 -3.01 5.56 -15.75
C ALA B 203 -3.03 4.42 -16.75
N LEU B 204 -3.28 3.22 -16.24
CA LEU B 204 -3.37 2.02 -17.08
C LEU B 204 -4.18 2.28 -18.34
N GLU B 205 -5.41 2.79 -18.15
CA GLU B 205 -6.33 2.97 -19.27
C GLU B 205 -5.79 4.02 -20.24
N SER B 206 -5.06 5.00 -19.72
CA SER B 206 -4.46 6.03 -20.58
C SER B 206 -3.33 5.44 -21.41
N LEU B 207 -2.54 4.56 -20.81
CA LEU B 207 -1.47 3.85 -21.52
C LEU B 207 -2.06 3.09 -22.69
N GLN B 208 -3.27 2.58 -22.50
CA GLN B 208 -3.89 1.69 -23.48
C GLN B 208 -4.71 2.44 -24.52
N THR B 209 -5.24 3.60 -24.16
CA THR B 209 -6.20 4.31 -25.00
C THR B 209 -5.74 5.70 -25.42
N GLN B 210 -4.69 6.21 -24.78
CA GLN B 210 -4.17 7.53 -25.09
C GLN B 210 -5.16 8.63 -24.69
N LYS B 211 -6.18 8.25 -23.91
CA LYS B 211 -7.16 9.21 -23.44
C LYS B 211 -6.94 9.55 -21.97
N PHE B 212 -7.17 10.81 -21.62
CA PHE B 212 -6.93 11.28 -20.26
C PHE B 212 -8.18 11.91 -19.64
N THR B 213 -8.35 11.69 -18.35
CA THR B 213 -9.49 12.22 -17.60
C THR B 213 -8.99 12.73 -16.26
N THR B 214 -9.87 13.31 -15.46
CA THR B 214 -9.50 13.73 -14.11
C THR B 214 -9.12 12.50 -13.28
N LYS B 215 -9.78 11.38 -13.55
CA LYS B 215 -9.45 10.13 -12.87
C LYS B 215 -8.04 9.64 -13.20
N SER B 216 -7.54 9.94 -14.40
CA SER B 216 -6.15 9.62 -14.71
C SER B 216 -5.18 10.63 -14.11
N ASP B 217 -5.64 11.86 -13.90
CA ASP B 217 -4.84 12.82 -13.13
C ASP B 217 -4.64 12.30 -11.71
N VAL B 218 -5.67 11.65 -11.18
CA VAL B 218 -5.59 11.08 -9.84
C VAL B 218 -4.50 10.01 -9.76
N TRP B 219 -4.43 9.15 -10.76
CA TRP B 219 -3.34 8.15 -10.81
C TRP B 219 -2.00 8.88 -10.76
N SER B 220 -1.85 9.90 -11.60
CA SER B 220 -0.61 10.67 -11.66
C SER B 220 -0.29 11.29 -10.30
N PHE B 221 -1.33 11.76 -9.63
CA PHE B 221 -1.18 12.35 -8.31
C PHE B 221 -0.63 11.33 -7.32
N GLY B 222 -1.07 10.08 -7.44
CA GLY B 222 -0.51 9.02 -6.62
C GLY B 222 0.99 8.90 -6.81
N VAL B 223 1.43 8.92 -8.07
CA VAL B 223 2.86 8.84 -8.38
C VAL B 223 3.58 10.07 -7.81
N LEU B 224 2.95 11.23 -7.90
CA LEU B 224 3.53 12.44 -7.34
C LEU B 224 3.73 12.34 -5.82
N LEU B 225 2.77 11.75 -5.11
CA LEU B 225 2.95 11.50 -3.69
C LEU B 225 4.18 10.60 -3.46
N TRP B 226 4.38 9.62 -4.33
CA TRP B 226 5.52 8.71 -4.15
C TRP B 226 6.81 9.49 -4.36
N GLU B 227 6.80 10.40 -5.34
CA GLU B 227 7.97 11.26 -5.62
C GLU B 227 8.29 12.08 -4.39
N LEU B 228 7.24 12.65 -3.78
CA LEU B 228 7.42 13.46 -2.59
C LEU B 228 8.04 12.64 -1.46
N MET B 229 7.51 11.44 -1.19
CA MET B 229 8.00 10.72 -0.01
C MET B 229 9.35 10.02 -0.23
N THR B 230 9.79 9.90 -1.49
CA THR B 230 11.14 9.41 -1.78
C THR B 230 12.12 10.56 -1.98
N ARG B 231 11.68 11.78 -1.68
CA ARG B 231 12.41 12.99 -2.04
C ARG B 231 12.91 13.02 -3.50
N GLY B 232 12.02 12.71 -4.44
CA GLY B 232 12.32 12.94 -5.84
C GLY B 232 13.00 11.80 -6.58
N ALA B 233 12.81 10.58 -6.09
CA ALA B 233 13.31 9.40 -6.79
C ALA B 233 12.57 9.23 -8.11
N PRO B 234 13.26 8.73 -9.13
CA PRO B 234 12.60 8.39 -10.40
C PRO B 234 11.68 7.19 -10.19
N PRO B 235 10.43 7.27 -10.64
CA PRO B 235 9.52 6.15 -10.45
C PRO B 235 9.93 4.92 -11.27
N TYR B 236 9.77 3.74 -10.69
CA TYR B 236 10.09 2.48 -11.36
C TYR B 236 11.50 2.53 -11.92
N PRO B 237 12.49 2.75 -11.05
CA PRO B 237 13.84 3.07 -11.55
C PRO B 237 14.39 2.03 -12.51
N ASP B 238 14.14 0.76 -12.21
CA ASP B 238 14.75 -0.35 -12.93
C ASP B 238 13.97 -0.76 -14.18
N VAL B 239 12.78 -0.19 -14.36
CA VAL B 239 11.89 -0.61 -15.45
C VAL B 239 12.01 0.29 -16.67
N ASN B 240 11.89 -0.30 -17.86
CA ASN B 240 11.91 0.47 -19.11
C ASN B 240 10.49 0.85 -19.53
N THR B 241 10.37 1.94 -20.26
CA THR B 241 9.08 2.58 -20.48
C THR B 241 8.11 1.78 -21.34
N PHE B 242 8.64 1.12 -22.38
CA PHE B 242 7.78 0.38 -23.30
C PHE B 242 7.04 -0.76 -22.61
N ASP B 243 7.56 -1.19 -21.47
CA ASP B 243 7.02 -2.38 -20.82
C ASP B 243 6.28 -2.07 -19.53
N ILE B 244 6.10 -0.77 -19.23
CA ILE B 244 5.48 -0.39 -17.96
C ILE B 244 4.03 -0.91 -17.90
N THR B 245 3.38 -0.99 -19.05
CA THR B 245 2.01 -1.50 -19.09
C THR B 245 2.03 -3.00 -18.80
N VAL B 246 2.96 -3.73 -19.43
CA VAL B 246 3.13 -5.14 -19.13
C VAL B 246 3.52 -5.28 -17.66
N TYR B 247 4.38 -4.37 -17.20
CA TYR B 247 4.86 -4.37 -15.82
C TYR B 247 3.68 -4.23 -14.85
N LEU B 248 2.84 -3.23 -15.07
CA LEU B 248 1.69 -3.00 -14.22
C LEU B 248 0.72 -4.19 -14.26
N LEU B 249 0.49 -4.73 -15.46
CA LEU B 249 -0.48 -5.82 -15.61
C LEU B 249 -0.01 -7.15 -15.05
N GLN B 250 1.26 -7.22 -14.65
CA GLN B 250 1.75 -8.41 -13.96
C GLN B 250 1.29 -8.38 -12.50
N GLY B 251 0.72 -7.25 -12.09
CA GLY B 251 0.17 -7.13 -10.76
C GLY B 251 1.05 -6.30 -9.85
N ARG B 252 1.64 -5.24 -10.41
CA ARG B 252 2.64 -4.46 -9.67
C ARG B 252 2.27 -3.00 -9.47
N ARG B 253 2.86 -2.42 -8.42
CA ARG B 253 2.75 -0.99 -8.10
C ARG B 253 4.07 -0.52 -7.46
N LEU B 254 4.27 0.80 -7.40
CA LEU B 254 5.42 1.36 -6.70
C LEU B 254 5.43 0.94 -5.23
N LEU B 255 6.62 0.64 -4.72
CA LEU B 255 6.79 0.17 -3.35
C LEU B 255 6.57 1.31 -2.37
N GLN B 256 6.19 0.98 -1.14
CA GLN B 256 6.02 2.00 -0.11
C GLN B 256 7.36 2.60 0.27
N PRO B 257 7.51 3.93 0.13
CA PRO B 257 8.77 4.59 0.50
C PRO B 257 9.05 4.40 1.99
N GLU B 258 10.33 4.33 2.35
CA GLU B 258 10.75 4.03 3.72
C GLU B 258 10.12 4.99 4.73
N TYR B 259 10.00 6.27 4.37
CA TYR B 259 9.46 7.26 5.30
C TYR B 259 8.00 7.60 5.03
N CYS B 260 7.32 6.77 4.24
CA CYS B 260 5.92 7.02 3.93
C CYS B 260 5.03 6.34 4.97
N PRO B 261 4.19 7.13 5.65
CA PRO B 261 3.16 6.63 6.57
C PRO B 261 2.24 5.63 5.87
N ASP B 262 1.89 4.55 6.57
CA ASP B 262 1.03 3.52 6.01
C ASP B 262 -0.29 4.07 5.43
N PRO B 263 -0.99 4.97 6.17
CA PRO B 263 -2.21 5.53 5.60
C PRO B 263 -2.00 6.30 4.29
N LEU B 264 -0.83 6.91 4.14
CA LEU B 264 -0.57 7.64 2.90
C LEU B 264 -0.26 6.68 1.77
N TYR B 265 0.32 5.53 2.10
CA TYR B 265 0.57 4.53 1.06
C TYR B 265 -0.77 3.92 0.63
N GLU B 266 -1.67 3.74 1.58
CA GLU B 266 -3.01 3.28 1.27
C GLU B 266 -3.72 4.25 0.34
N VAL B 267 -3.52 5.55 0.56
CA VAL B 267 -4.02 6.55 -0.38
C VAL B 267 -3.42 6.39 -1.78
N MET B 268 -2.11 6.13 -1.85
CA MET B 268 -1.46 5.91 -3.15
C MET B 268 -2.10 4.75 -3.90
N LEU B 269 -2.27 3.63 -3.19
CA LEU B 269 -2.86 2.44 -3.81
C LEU B 269 -4.29 2.70 -4.29
N LYS B 270 -5.00 3.58 -3.59
CA LYS B 270 -6.34 4.00 -3.97
C LYS B 270 -6.32 4.83 -5.26
N CYS B 271 -5.36 5.75 -5.37
CA CYS B 271 -5.16 6.54 -6.58
C CYS B 271 -4.86 5.65 -7.79
N TRP B 272 -4.34 4.45 -7.52
CA TRP B 272 -3.91 3.54 -8.58
C TRP B 272 -4.93 2.42 -8.79
N HIS B 273 -6.15 2.59 -8.30
CA HIS B 273 -7.16 1.56 -8.49
C HIS B 273 -7.24 1.21 -9.97
N PRO B 274 -7.35 -0.09 -10.30
CA PRO B 274 -7.44 -0.42 -11.72
C PRO B 274 -8.69 0.11 -12.42
N LYS B 275 -9.79 0.26 -11.66
CA LYS B 275 -11.00 0.87 -12.18
C LYS B 275 -10.99 2.37 -11.91
N ALA B 276 -10.92 3.17 -12.97
CA ALA B 276 -10.84 4.62 -12.84
C ALA B 276 -11.93 5.18 -11.93
N GLU B 277 -13.16 4.67 -12.05
CA GLU B 277 -14.30 5.24 -11.34
C GLU B 277 -14.20 5.01 -9.84
N MET B 278 -13.30 4.13 -9.43
CA MET B 278 -13.16 3.76 -8.03
C MET B 278 -12.04 4.53 -7.33
N ARG B 279 -11.27 5.28 -8.09
CA ARG B 279 -10.24 6.16 -7.52
C ARG B 279 -10.91 7.34 -6.81
N PRO B 280 -10.24 7.85 -5.77
CA PRO B 280 -10.80 8.99 -5.05
C PRO B 280 -10.88 10.19 -5.95
N SER B 281 -11.85 11.07 -5.70
CA SER B 281 -11.84 12.39 -6.31
C SER B 281 -10.73 13.16 -5.59
N PHE B 282 -10.33 14.29 -6.17
CA PHE B 282 -9.39 15.17 -5.48
C PHE B 282 -10.01 15.82 -4.25
N SER B 283 -11.34 15.95 -4.22
CA SER B 283 -12.00 16.45 -3.01
C SER B 283 -11.77 15.48 -1.85
N GLU B 284 -11.97 14.18 -2.12
CA GLU B 284 -11.66 13.12 -1.18
C GLU B 284 -10.19 13.11 -0.78
N LEU B 285 -9.32 13.33 -1.76
CA LEU B 285 -7.89 13.31 -1.51
C LEU B 285 -7.50 14.47 -0.57
N VAL B 286 -8.06 15.65 -0.80
CA VAL B 286 -7.82 16.78 0.11
C VAL B 286 -8.29 16.47 1.53
N SER B 287 -9.47 15.89 1.65
CA SER B 287 -10.01 15.53 2.97
C SER B 287 -9.10 14.52 3.68
N ARG B 288 -8.80 13.41 2.99
CA ARG B 288 -8.01 12.36 3.62
C ARG B 288 -6.58 12.79 3.96
N ILE B 289 -5.96 13.53 3.06
CA ILE B 289 -4.57 13.92 3.28
C ILE B 289 -4.49 15.04 4.32
N SER B 290 -5.54 15.85 4.44
CA SER B 290 -5.52 16.91 5.45
C SER B 290 -5.52 16.27 6.85
N ALA B 291 -6.19 15.13 6.95
CA ALA B 291 -6.26 14.36 8.20
C ALA B 291 -4.91 13.77 8.57
N ILE B 292 -4.29 13.08 7.61
CA ILE B 292 -2.99 12.45 7.83
C ILE B 292 -1.95 13.50 8.20
N PHE B 293 -1.98 14.60 7.45
CA PHE B 293 -1.10 15.75 7.69
C PHE B 293 -1.21 16.24 9.13
N SER B 294 -2.44 16.37 9.63
CA SER B 294 -2.67 16.93 10.95
C SER B 294 -2.11 16.08 12.11
N THR B 295 -1.76 14.82 11.84
CA THR B 295 -1.27 13.95 12.91
C THR B 295 0.23 14.12 13.15
N PHE B 296 0.92 14.79 12.24
CA PHE B 296 2.36 14.95 12.37
C PHE B 296 2.71 16.32 12.96
N ILE B 297 3.88 16.42 13.57
CA ILE B 297 4.31 17.66 14.22
C ILE B 297 5.68 18.13 13.73
N GLY B 298 6.24 17.40 12.76
CA GLY B 298 7.49 17.83 12.15
C GLY B 298 8.72 17.28 12.85
N GLU B 299 8.59 16.12 13.48
CA GLU B 299 9.71 15.52 14.19
C GLU B 299 10.38 14.39 13.43
N HIS B 300 9.75 13.94 12.34
CA HIS B 300 10.30 12.86 11.53
C HIS B 300 10.99 13.37 10.26
N TYR B 301 12.32 13.32 10.25
CA TYR B 301 13.04 13.83 9.09
C TYR B 301 13.08 12.78 8.00
N VAL B 302 13.01 13.22 6.75
CA VAL B 302 13.04 12.30 5.62
C VAL B 302 14.37 12.39 4.91
N HIS B 303 15.00 11.23 4.76
CA HIS B 303 16.35 11.17 4.23
C HIS B 303 16.31 10.49 2.88
N VAL B 304 17.39 10.61 2.12
CA VAL B 304 17.37 10.14 0.74
C VAL B 304 17.80 8.67 0.68
N ASN B 305 17.17 7.91 -0.21
CA ASN B 305 17.40 6.48 -0.31
C ASN B 305 18.67 6.19 -1.10
N ALA B 306 19.58 5.42 -0.50
CA ALA B 306 20.89 5.17 -1.10
C ALA B 306 20.81 4.51 -2.47
N THR B 307 19.82 3.65 -2.69
CA THR B 307 19.65 2.97 -3.97
C THR B 307 18.97 3.84 -5.03
N TYR B 308 18.40 4.97 -4.63
CA TYR B 308 17.49 5.68 -5.51
C TYR B 308 17.84 7.14 -5.74
N1 63B C . -7.64 -24.75 16.29
N3 63B C . -7.23 -23.34 17.92
C4 63B C . -7.52 -26.03 14.37
C5 63B C . -11.00 -24.18 17.17
C6 63B C . -6.19 -25.37 14.05
C7 63B C . -8.13 -27.05 13.49
C8 63B C . -11.54 -25.03 16.17
C10 63B C . -8.16 -28.42 13.91
C13 63B C . -12.63 -22.45 16.54
C15 63B C . -9.27 -27.68 11.41
C17 63B C . -9.29 -29.03 11.84
C20 63B C . -16.09 -25.91 9.96
C1 63B C . -8.10 -24.24 17.44
C2 63B C . -6.47 -24.10 16.12
N2 63B C . -8.16 -25.64 15.52
S1 63B C . -9.63 -24.74 18.17
N4 63B C . -6.25 -23.26 17.13
C3 63B C . -5.67 -24.43 14.90
C9 63B C . -11.54 -22.89 17.36
C11 63B C . -8.69 -26.70 12.23
C12 63B C . -12.60 -24.60 15.37
C14 63B C . -8.74 -29.41 13.08
C16 63B C . -13.15 -23.29 15.57
N5 63B C . -13.31 -25.20 14.36
N6 63B C . -14.17 -23.16 14.66
C18 63B C . -14.25 -24.31 13.95
F 63B C . -9.85 -29.95 11.03
N7 63B C . -15.27 -24.48 12.87
C19 63B C . -15.24 -25.69 12.21
O1 63B C . -15.02 -25.79 10.90
O2 63B C . -15.42 -26.73 12.80
N1 63B D . 7.32 25.90 -16.06
N3 63B D . 5.38 26.78 -16.56
C4 63B D . 9.02 24.44 -15.45
C5 63B D . 8.17 29.13 -15.09
C6 63B D . 7.99 23.33 -15.35
C7 63B D . 10.46 24.22 -15.18
C8 63B D . 9.49 28.81 -14.71
C10 63B D . 11.42 24.34 -16.23
C13 63B D . 7.87 30.34 -12.97
C15 63B D . 12.27 23.65 -13.61
C17 63B D . 13.21 23.78 -14.65
C20 63B D . 15.52 30.30 -10.32
C1 63B D . 6.69 27.02 -16.42
C2 63B D . 6.33 25.00 -16.00
N2 63B D . 8.57 25.69 -15.82
S1 63B D . 7.53 28.55 -16.65
N4 63B D . 5.15 25.58 -16.30
C3 63B D . 6.67 23.60 -15.61
C9 63B D . 7.35 29.89 -14.23
C11 63B D . 10.90 23.86 -13.87
C12 63B D . 10.01 29.24 -13.49
C14 63B D . 12.81 24.12 -15.97
C16 63B D . 9.18 30.02 -12.60
N5 63B D . 11.23 29.09 -12.86
N6 63B D . 9.96 30.30 -11.49
C18 63B D . 11.17 29.72 -11.68
F 63B D . 14.51 23.57 -14.39
N7 63B D . 12.24 29.85 -10.65
C19 63B D . 13.43 29.23 -10.95
O1 63B D . 14.52 29.94 -11.27
O2 63B D . 13.54 28.04 -10.94
#